data_3LDF
#
_entry.id   3LDF
#
_cell.length_a   165.684
_cell.length_b   50.828
_cell.length_c   59.569
_cell.angle_alpha   90.00
_cell.angle_beta   107.14
_cell.angle_gamma   90.00
#
_symmetry.space_group_name_H-M   'C 1 2 1'
#
loop_
_entity.id
_entity.type
_entity.pdbx_description
1 polymer 'Putative uncharacterized protein SMU.776'
2 non-polymer S-ADENOSYL-L-HOMOCYSTEINE
3 water water
#
_entity_poly.entity_id   1
_entity_poly.type   'polypeptide(L)'
_entity_poly.pdbx_seq_one_letter_code
;MIKLMVGSFAEKKLKRGVQLLSSRDYPNLNLDNQVVQLYSDADIFLGTAYLSKQNKGVGWLISPKKVSLNVTYFIKLFQW
SKDKRKNFAHSKLTTAYRLFNQDGDSFGGVTIDCYGDFVLFSWYNSFVYQIRDEIVAAFRQVYPNFLGAYEKIRFKGIDN
VSAHLYGQEAPEQFLILENGISYNVFLNDGLMTGIFLDQRQVRNELINGSAAGKTVLNLFSYTAAFSVAAAMGGAMATTS
VDLAKRSRALSLAHFEANHLDMANHQLVVMDVFDYFKYARRHHLTYDIIIIDPPSFARNKKEVFSVSKDYHKLIRQGLEI
LSENGLIIASTNAANMTVSQFKKQIEKGFGKQKHTYLDLQQLPSDFAVNVQDESSNYLKVFTIKV
;
_entity_poly.pdbx_strand_id   A
#
# COMPACT_ATOMS: atom_id res chain seq x y z
N MET A 1 -4.47 -30.43 -17.59
CA MET A 1 -5.25 -29.16 -17.41
C MET A 1 -6.11 -28.87 -18.63
N ILE A 2 -7.07 -27.97 -18.46
CA ILE A 2 -7.89 -27.52 -19.55
C ILE A 2 -7.13 -26.52 -20.44
N LYS A 3 -7.22 -26.73 -21.75
CA LYS A 3 -6.84 -25.75 -22.74
C LYS A 3 -8.03 -24.81 -22.90
N LEU A 4 -7.77 -23.51 -22.74
CA LEU A 4 -8.81 -22.49 -22.83
C LEU A 4 -8.57 -21.59 -24.07
N MET A 5 -9.56 -21.48 -24.98
CA MET A 5 -9.50 -20.53 -26.13
C MET A 5 -9.85 -19.10 -25.62
N VAL A 6 -9.04 -18.07 -25.92
CA VAL A 6 -9.35 -16.70 -25.53
C VAL A 6 -9.73 -15.82 -26.75
N GLY A 7 -10.60 -14.82 -26.56
CA GLY A 7 -11.00 -13.93 -27.64
C GLY A 7 -9.89 -12.93 -27.99
N SER A 8 -10.05 -12.19 -29.09
CA SER A 8 -9.01 -11.25 -29.52
C SER A 8 -8.57 -10.21 -28.47
N PHE A 9 -9.49 -9.69 -27.65
CA PHE A 9 -9.09 -8.64 -26.70
C PHE A 9 -8.21 -9.24 -25.63
N ALA A 10 -8.61 -10.42 -25.13
CA ALA A 10 -7.83 -11.13 -24.15
C ALA A 10 -6.41 -11.34 -24.67
N GLU A 11 -6.32 -11.76 -25.95
CA GLU A 11 -5.07 -11.91 -26.66
C GLU A 11 -4.20 -10.62 -26.64
N LYS A 12 -4.77 -9.48 -27.03
CA LYS A 12 -4.05 -8.21 -27.11
C LYS A 12 -3.38 -7.80 -25.78
N LYS A 13 -4.05 -8.11 -24.66
CA LYS A 13 -3.52 -7.86 -23.31
C LYS A 13 -2.25 -8.67 -23.09
N LEU A 14 -2.32 -9.95 -23.44
CA LEU A 14 -1.26 -10.91 -23.16
C LEU A 14 -0.04 -10.50 -23.94
N LYS A 15 -0.21 -10.12 -25.19
CA LYS A 15 0.97 -9.87 -26.01
C LYS A 15 1.71 -8.57 -25.67
N ARG A 16 1.03 -7.64 -24.99
CA ARG A 16 1.77 -6.47 -24.51
C ARG A 16 2.42 -6.68 -23.12
N GLY A 17 2.11 -7.79 -22.46
CA GLY A 17 2.78 -8.10 -21.23
C GLY A 17 1.94 -7.90 -19.98
N VAL A 18 0.62 -7.69 -20.14
CA VAL A 18 -0.31 -7.67 -18.97
C VAL A 18 -0.57 -9.10 -18.47
N GLN A 19 -0.38 -9.29 -17.16
CA GLN A 19 -0.47 -10.58 -16.52
C GLN A 19 -1.87 -10.81 -15.99
N LEU A 20 -2.53 -9.70 -15.63
CA LEU A 20 -3.86 -9.71 -15.05
C LEU A 20 -4.90 -10.16 -16.10
N LEU A 21 -5.70 -11.19 -15.78
CA LEU A 21 -6.85 -11.52 -16.66
C LEU A 21 -8.12 -10.85 -16.17
N SER A 22 -8.61 -9.85 -16.90
CA SER A 22 -9.80 -9.08 -16.49
C SER A 22 -11.08 -9.83 -16.93
N SER A 23 -12.10 -9.83 -16.09
CA SER A 23 -13.34 -10.54 -16.40
C SER A 23 -14.03 -10.11 -17.73
N ARG A 24 -14.02 -8.80 -18.02
CA ARG A 24 -14.51 -8.20 -19.30
C ARG A 24 -14.08 -8.96 -20.57
N ASP A 25 -12.82 -9.42 -20.55
CA ASP A 25 -12.11 -10.13 -21.63
C ASP A 25 -12.38 -11.64 -21.63
N TYR A 26 -13.01 -12.10 -20.58
CA TYR A 26 -13.28 -13.53 -20.44
C TYR A 26 -14.74 -13.72 -20.02
N PRO A 27 -15.70 -13.18 -20.80
CA PRO A 27 -17.13 -13.29 -20.45
C PRO A 27 -17.67 -14.73 -20.58
N ASN A 28 -16.87 -15.59 -21.20
CA ASN A 28 -17.29 -16.95 -21.56
C ASN A 28 -17.26 -17.98 -20.41
N LEU A 29 -16.82 -17.53 -19.24
CA LEU A 29 -16.04 -18.39 -18.38
C LEU A 29 -16.81 -19.14 -17.31
N ASN A 30 -16.86 -20.47 -17.45
CA ASN A 30 -17.54 -21.35 -16.49
C ASN A 30 -16.56 -22.30 -15.80
N LEU A 31 -15.31 -21.87 -15.69
CA LEU A 31 -14.23 -22.62 -15.02
C LEU A 31 -13.56 -21.72 -14.00
N ASP A 32 -13.11 -22.28 -12.89
CA ASP A 32 -12.51 -21.48 -11.83
C ASP A 32 -11.56 -22.26 -10.92
N ASN A 33 -10.69 -21.51 -10.21
CA ASN A 33 -9.74 -22.08 -9.29
C ASN A 33 -8.91 -23.26 -9.80
N GLN A 34 -8.14 -23.02 -10.85
CA GLN A 34 -7.34 -24.09 -11.39
C GLN A 34 -6.37 -23.47 -12.39
N VAL A 35 -5.36 -24.24 -12.75
CA VAL A 35 -4.33 -23.86 -13.71
C VAL A 35 -4.78 -24.33 -15.11
N VAL A 36 -4.62 -23.43 -16.09
CA VAL A 36 -5.05 -23.68 -17.46
C VAL A 36 -3.91 -23.28 -18.41
N GLN A 37 -4.06 -23.76 -19.66
CA GLN A 37 -3.19 -23.38 -20.74
C GLN A 37 -4.04 -22.57 -21.72
N LEU A 38 -3.63 -21.32 -21.96
CA LEU A 38 -4.41 -20.44 -22.84
C LEU A 38 -3.95 -20.50 -24.29
N TYR A 39 -4.91 -20.54 -25.19
CA TYR A 39 -4.66 -20.58 -26.65
C TYR A 39 -5.41 -19.48 -27.37
N SER A 40 -4.86 -19.02 -28.50
CA SER A 40 -5.48 -17.99 -29.34
C SER A 40 -6.70 -18.48 -30.12
N ASP A 41 -7.12 -17.60 -31.03
CA ASP A 41 -8.22 -17.76 -31.98
C ASP A 41 -7.92 -18.82 -33.05
N ALA A 42 -6.64 -18.94 -33.40
CA ALA A 42 -6.17 -19.87 -34.42
C ALA A 42 -5.27 -20.97 -33.87
N ASP A 43 -5.41 -21.26 -32.56
CA ASP A 43 -4.85 -22.46 -31.92
C ASP A 43 -3.33 -22.38 -31.62
N ILE A 44 -2.91 -21.20 -31.43
CA ILE A 44 -1.54 -20.98 -30.98
C ILE A 44 -1.47 -20.80 -29.47
N PHE A 45 -0.36 -21.40 -28.82
CA PHE A 45 -0.21 -21.40 -27.37
C PHE A 45 0.22 -20.05 -26.91
N LEU A 46 -0.51 -19.53 -25.92
CA LEU A 46 -0.27 -18.19 -25.40
C LEU A 46 0.38 -18.19 -24.02
N GLY A 47 0.19 -19.24 -23.22
CA GLY A 47 0.90 -19.29 -21.91
C GLY A 47 0.11 -20.07 -20.88
N THR A 48 0.73 -20.32 -19.73
CA THR A 48 0.12 -20.98 -18.58
C THR A 48 -0.28 -19.87 -17.61
N ALA A 49 -1.51 -20.00 -17.11
CA ALA A 49 -2.14 -19.10 -16.14
C ALA A 49 -2.93 -19.93 -15.07
N TYR A 50 -3.49 -19.24 -14.07
CA TYR A 50 -4.45 -19.79 -13.14
C TYR A 50 -5.66 -18.90 -13.01
N LEU A 51 -6.77 -19.50 -12.61
CA LEU A 51 -8.06 -18.81 -12.58
C LEU A 51 -8.49 -18.70 -11.14
N SER A 52 -8.88 -17.49 -10.72
CA SER A 52 -9.45 -17.29 -9.41
C SER A 52 -10.02 -15.87 -9.42
N LYS A 53 -11.16 -15.69 -8.76
CA LYS A 53 -11.77 -14.41 -8.65
C LYS A 53 -10.98 -13.47 -7.73
N GLN A 54 -10.68 -12.28 -8.21
CA GLN A 54 -9.93 -11.26 -7.45
C GLN A 54 -10.33 -9.87 -7.88
N ASN A 55 -11.25 -9.29 -7.14
CA ASN A 55 -11.89 -8.03 -7.54
C ASN A 55 -12.36 -8.14 -9.00
N LYS A 56 -11.82 -7.29 -9.88
CA LYS A 56 -12.22 -7.25 -11.30
C LYS A 56 -11.55 -8.30 -12.20
N GLY A 57 -10.62 -9.08 -11.66
CA GLY A 57 -9.99 -10.13 -12.44
C GLY A 57 -10.53 -11.54 -12.20
N VAL A 58 -10.27 -12.40 -13.19
CA VAL A 58 -10.57 -13.83 -13.14
C VAL A 58 -9.32 -14.71 -13.00
N GLY A 59 -8.13 -14.12 -13.01
CA GLY A 59 -6.93 -14.95 -12.83
C GLY A 59 -5.71 -14.18 -13.21
N TRP A 60 -4.60 -14.89 -13.35
CA TRP A 60 -3.32 -14.28 -13.70
C TRP A 60 -2.52 -15.19 -14.62
N LEU A 61 -1.84 -14.58 -15.58
CA LEU A 61 -0.80 -15.27 -16.34
C LEU A 61 0.39 -15.58 -15.46
N ILE A 62 0.88 -16.81 -15.57
CA ILE A 62 1.97 -17.32 -14.75
C ILE A 62 3.23 -17.30 -15.57
N SER A 63 3.14 -17.76 -16.83
CA SER A 63 4.27 -17.72 -17.76
C SER A 63 3.80 -17.82 -19.22
N PRO A 64 4.54 -17.20 -20.18
CA PRO A 64 4.19 -17.41 -21.59
C PRO A 64 4.55 -18.82 -22.01
N LYS A 65 5.42 -19.47 -21.21
CA LYS A 65 5.85 -20.83 -21.46
C LYS A 65 4.95 -21.88 -20.80
N LYS A 66 5.00 -23.10 -21.31
CA LYS A 66 4.24 -24.21 -20.77
C LYS A 66 4.97 -24.71 -19.53
N VAL A 67 4.36 -24.52 -18.36
CA VAL A 67 4.99 -24.83 -17.07
C VAL A 67 4.11 -25.60 -16.05
N SER A 68 4.78 -26.30 -15.15
CA SER A 68 4.11 -26.92 -14.01
C SER A 68 4.19 -26.02 -12.78
N LEU A 69 3.03 -25.69 -12.22
CA LEU A 69 2.99 -25.03 -10.94
C LEU A 69 3.15 -26.02 -9.79
N ASN A 70 4.28 -25.96 -9.10
CA ASN A 70 4.59 -26.83 -7.97
C ASN A 70 5.57 -26.06 -7.15
N VAL A 71 6.10 -26.69 -6.12
CA VAL A 71 6.96 -25.97 -5.18
C VAL A 71 8.31 -25.48 -5.76
N THR A 72 8.92 -26.29 -6.61
CA THR A 72 10.16 -25.93 -7.27
C THR A 72 9.89 -24.67 -8.07
N TYR A 73 8.71 -24.53 -8.68
CA TYR A 73 8.40 -23.28 -9.38
C TYR A 73 8.42 -22.05 -8.43
N PHE A 74 7.85 -22.20 -7.24
CA PHE A 74 7.92 -21.13 -6.31
C PHE A 74 9.35 -20.88 -5.77
N ILE A 75 10.20 -21.90 -5.74
CA ILE A 75 11.55 -21.64 -5.20
C ILE A 75 12.24 -20.67 -6.14
N LYS A 76 12.07 -20.89 -7.44
CA LYS A 76 12.65 -20.06 -8.48
C LYS A 76 12.15 -18.60 -8.39
N LEU A 77 10.82 -18.49 -8.29
CA LEU A 77 10.15 -17.23 -8.10
C LEU A 77 10.80 -16.43 -6.96
N PHE A 78 11.00 -17.06 -5.79
CA PHE A 78 11.49 -16.36 -4.61
C PHE A 78 12.98 -16.19 -4.64
N GLN A 79 13.72 -17.04 -5.34
CA GLN A 79 15.14 -16.74 -5.55
C GLN A 79 15.35 -15.41 -6.35
N TRP A 80 14.61 -15.24 -7.46
CA TRP A 80 14.65 -14.02 -8.28
C TRP A 80 14.27 -12.74 -7.51
N SER A 81 13.14 -12.78 -6.78
CA SER A 81 12.64 -11.66 -5.99
C SER A 81 13.56 -11.33 -4.83
N LYS A 82 14.17 -12.33 -4.21
CA LYS A 82 15.19 -12.08 -3.18
C LYS A 82 16.40 -11.39 -3.82
N ASP A 83 16.80 -11.82 -5.01
CA ASP A 83 17.99 -11.25 -5.62
C ASP A 83 17.89 -9.77 -6.06
N LYS A 84 16.68 -9.27 -6.29
CA LYS A 84 16.42 -7.85 -6.59
C LYS A 84 16.56 -6.97 -5.34
N ARG A 85 16.62 -7.60 -4.16
CA ARG A 85 16.40 -6.90 -2.89
C ARG A 85 17.63 -6.91 -1.97
N LYS A 86 18.79 -7.22 -2.55
CA LYS A 86 20.09 -7.30 -1.86
C LYS A 86 20.42 -6.07 -1.05
N ASN A 87 20.11 -4.89 -1.57
CA ASN A 87 20.40 -3.66 -0.88
C ASN A 87 19.61 -3.46 0.41
N PHE A 88 18.32 -3.82 0.39
CA PHE A 88 17.51 -3.87 1.63
C PHE A 88 18.19 -4.72 2.71
N ALA A 89 18.78 -5.86 2.32
CA ALA A 89 19.42 -6.77 3.26
C ALA A 89 20.78 -6.28 3.75
N HIS A 90 21.50 -5.46 2.99
CA HIS A 90 22.81 -4.97 3.42
C HIS A 90 22.78 -3.67 4.33
N SER A 91 21.79 -2.80 4.11
CA SER A 91 21.62 -1.56 4.92
C SER A 91 20.79 -1.94 6.13
N LYS A 92 21.17 -1.38 7.27
CA LYS A 92 20.61 -1.77 8.55
C LYS A 92 19.53 -0.75 9.01
N LEU A 93 19.40 0.36 8.27
CA LEU A 93 18.49 1.49 8.67
C LEU A 93 17.00 1.11 8.55
N THR A 94 16.68 0.10 7.73
CA THR A 94 15.28 -0.25 7.39
C THR A 94 15.12 -1.75 7.57
N THR A 95 14.36 -2.20 8.57
CA THR A 95 14.22 -3.65 8.84
C THR A 95 12.79 -4.13 8.55
N ALA A 96 11.96 -3.23 8.05
CA ALA A 96 10.61 -3.66 7.59
C ALA A 96 10.35 -3.17 6.14
N TYR A 97 10.10 -4.07 5.19
CA TYR A 97 9.96 -3.70 3.78
C TYR A 97 9.28 -4.86 3.01
N ARG A 98 8.88 -4.72 1.73
CA ARG A 98 8.10 -5.77 1.04
C ARG A 98 9.04 -6.72 0.27
N LEU A 99 8.88 -8.01 0.51
CA LEU A 99 9.68 -9.06 -0.15
C LEU A 99 9.11 -9.51 -1.51
N PHE A 100 7.81 -9.32 -1.70
CA PHE A 100 7.15 -9.91 -2.91
C PHE A 100 5.86 -9.17 -3.16
N ASN A 101 5.63 -8.74 -4.41
CA ASN A 101 4.48 -7.89 -4.74
C ASN A 101 3.69 -8.30 -5.99
N GLN A 102 2.94 -9.38 -5.90
CA GLN A 102 2.01 -9.79 -6.96
C GLN A 102 2.73 -9.82 -8.30
N ASP A 103 2.13 -9.20 -9.33
CA ASP A 103 2.65 -9.29 -10.68
C ASP A 103 3.99 -8.53 -10.84
N GLY A 104 4.30 -7.65 -9.88
CA GLY A 104 5.58 -6.92 -9.76
C GLY A 104 6.74 -7.92 -9.68
N ASP A 105 6.45 -9.12 -9.19
CA ASP A 105 7.42 -10.22 -9.06
C ASP A 105 6.94 -11.48 -9.83
N SER A 106 6.09 -11.24 -10.84
CA SER A 106 5.63 -12.34 -11.74
C SER A 106 4.74 -13.40 -11.11
N PHE A 107 4.03 -13.08 -10.03
CA PHE A 107 2.94 -13.99 -9.56
C PHE A 107 1.79 -13.23 -8.83
N GLY A 108 0.75 -12.86 -9.59
CA GLY A 108 -0.35 -12.09 -9.03
C GLY A 108 -1.02 -12.92 -7.93
N GLY A 109 -1.65 -12.21 -6.97
CA GLY A 109 -2.43 -12.81 -5.87
C GLY A 109 -1.73 -13.04 -4.54
N VAL A 110 -0.43 -12.76 -4.49
CA VAL A 110 0.39 -12.93 -3.25
C VAL A 110 1.28 -11.71 -2.97
N THR A 111 1.23 -11.18 -1.75
CA THR A 111 2.28 -10.31 -1.24
C THR A 111 2.95 -10.89 0.00
N ILE A 112 4.21 -10.49 0.25
CA ILE A 112 4.97 -10.90 1.43
C ILE A 112 5.83 -9.74 1.96
N ASP A 113 5.69 -9.48 3.26
CA ASP A 113 6.37 -8.37 3.90
C ASP A 113 7.30 -8.83 5.02
N CYS A 114 8.43 -8.13 5.16
CA CYS A 114 9.22 -8.44 6.33
C CYS A 114 9.12 -7.37 7.42
N TYR A 115 9.08 -7.81 8.67
CA TYR A 115 8.92 -6.90 9.80
C TYR A 115 9.95 -7.31 10.88
N GLY A 116 11.21 -6.91 10.79
CA GLY A 116 12.21 -7.36 11.79
C GLY A 116 12.45 -8.85 11.63
N ASP A 117 12.25 -9.61 12.72
CA ASP A 117 12.49 -11.06 12.70
C ASP A 117 11.27 -11.86 12.20
N PHE A 118 10.17 -11.20 11.83
CA PHE A 118 8.97 -11.92 11.36
C PHE A 118 8.59 -11.57 9.91
N VAL A 119 7.92 -12.50 9.23
CA VAL A 119 7.34 -12.25 7.91
C VAL A 119 5.82 -12.24 7.93
N LEU A 120 5.24 -11.52 6.96
CA LEU A 120 3.75 -11.51 6.76
C LEU A 120 3.35 -11.78 5.31
N PHE A 121 2.48 -12.76 5.12
CA PHE A 121 1.96 -13.19 3.84
C PHE A 121 0.51 -12.69 3.76
N SER A 122 0.10 -12.28 2.57
CA SER A 122 -1.26 -11.89 2.32
C SER A 122 -1.71 -12.63 1.06
N TRP A 123 -2.90 -13.26 1.21
CA TRP A 123 -3.54 -14.09 0.18
C TRP A 123 -4.65 -13.26 -0.48
N TYR A 124 -4.57 -13.00 -1.79
CA TYR A 124 -5.63 -12.15 -2.40
C TYR A 124 -6.75 -12.95 -3.18
N ASN A 125 -6.73 -14.28 -3.13
CA ASN A 125 -7.78 -15.05 -3.77
C ASN A 125 -7.72 -16.46 -3.24
N SER A 126 -8.81 -17.19 -3.47
CA SER A 126 -8.98 -18.52 -2.91
C SER A 126 -8.04 -19.59 -3.50
N PHE A 127 -7.57 -19.40 -4.74
CA PHE A 127 -6.65 -20.38 -5.32
C PHE A 127 -5.30 -20.40 -4.60
N VAL A 128 -4.74 -19.23 -4.31
CA VAL A 128 -3.39 -19.18 -3.71
C VAL A 128 -3.51 -19.67 -2.23
N TYR A 129 -4.65 -19.43 -1.61
CA TYR A 129 -4.87 -19.90 -0.26
C TYR A 129 -4.95 -21.42 -0.27
N GLN A 130 -5.58 -22.00 -1.30
CA GLN A 130 -5.56 -23.43 -1.48
C GLN A 130 -4.15 -24.04 -1.64
N ILE A 131 -3.20 -23.32 -2.21
CA ILE A 131 -1.84 -23.92 -2.39
C ILE A 131 -0.77 -23.31 -1.43
N ARG A 132 -1.15 -22.86 -0.25
CA ARG A 132 -0.19 -22.11 0.64
C ARG A 132 0.99 -22.99 1.06
N ASP A 133 0.73 -24.28 1.28
CA ASP A 133 1.78 -25.24 1.66
C ASP A 133 3.00 -25.11 0.79
N GLU A 134 2.78 -25.20 -0.51
CA GLU A 134 3.87 -25.14 -1.41
C GLU A 134 4.47 -23.72 -1.56
N ILE A 135 3.67 -22.67 -1.36
CA ILE A 135 4.20 -21.32 -1.38
C ILE A 135 5.08 -21.10 -0.13
N VAL A 136 4.55 -21.44 1.05
CA VAL A 136 5.27 -21.27 2.30
C VAL A 136 6.55 -22.17 2.36
N ALA A 137 6.42 -23.43 1.91
CA ALA A 137 7.58 -24.35 1.85
C ALA A 137 8.74 -23.82 1.00
N ALA A 138 8.42 -23.28 -0.14
CA ALA A 138 9.38 -22.67 -1.04
C ALA A 138 10.02 -21.45 -0.41
N PHE A 139 9.23 -20.56 0.18
CA PHE A 139 9.73 -19.35 0.86
C PHE A 139 10.68 -19.69 2.03
N ARG A 140 10.37 -20.72 2.81
CA ARG A 140 11.16 -21.06 4.00
C ARG A 140 12.48 -21.70 3.56
N GLN A 141 12.51 -22.37 2.41
CA GLN A 141 13.82 -22.77 1.83
C GLN A 141 14.70 -21.53 1.44
N VAL A 142 14.08 -20.57 0.82
CA VAL A 142 14.82 -19.44 0.28
C VAL A 142 15.17 -18.38 1.39
N TYR A 143 14.28 -18.27 2.39
CA TYR A 143 14.52 -17.36 3.53
C TYR A 143 14.43 -18.13 4.86
N PRO A 144 15.41 -18.98 5.17
CA PRO A 144 15.22 -19.84 6.36
C PRO A 144 15.39 -19.16 7.74
N ASN A 145 15.87 -17.92 7.82
CA ASN A 145 16.29 -17.33 9.12
C ASN A 145 15.26 -16.42 9.87
N PHE A 146 14.07 -16.23 9.30
CA PHE A 146 12.95 -15.65 10.08
C PHE A 146 12.49 -16.54 11.26
N LEU A 147 12.23 -15.91 12.41
CA LEU A 147 11.82 -16.60 13.61
C LEU A 147 10.39 -17.11 13.55
N GLY A 148 9.53 -16.39 12.82
CA GLY A 148 8.12 -16.75 12.68
C GLY A 148 7.44 -15.99 11.55
N ALA A 149 6.15 -16.31 11.34
CA ALA A 149 5.40 -15.77 10.23
C ALA A 149 3.90 -15.69 10.56
N TYR A 150 3.23 -14.69 9.98
CA TYR A 150 1.79 -14.45 10.14
C TYR A 150 1.14 -14.36 8.76
N GLU A 151 -0.19 -14.48 8.70
CA GLU A 151 -0.93 -14.34 7.41
C GLU A 151 -2.16 -13.45 7.53
N LYS A 152 -2.43 -12.66 6.47
CA LYS A 152 -3.70 -11.95 6.26
C LYS A 152 -4.54 -12.57 5.15
N ILE A 153 -5.86 -12.72 5.35
CA ILE A 153 -6.77 -13.26 4.29
C ILE A 153 -7.49 -12.08 3.66
N ARG A 154 -7.35 -11.91 2.35
CA ARG A 154 -7.81 -10.70 1.68
C ARG A 154 -8.86 -10.93 0.57
N PHE A 155 -9.70 -11.94 0.73
CA PHE A 155 -10.56 -12.32 -0.36
C PHE A 155 -11.84 -12.86 0.21
N ASN A 160 -8.57 -15.80 11.11
CA ASN A 160 -9.79 -15.71 10.27
C ASN A 160 -9.77 -14.52 9.30
N VAL A 161 -9.35 -13.35 9.73
CA VAL A 161 -8.88 -12.41 8.74
C VAL A 161 -7.34 -12.37 8.84
N SER A 162 -6.83 -12.68 10.04
CA SER A 162 -5.39 -12.68 10.41
C SER A 162 -5.11 -13.92 11.27
N ALA A 163 -3.94 -14.53 11.12
CA ALA A 163 -3.61 -15.70 11.94
C ALA A 163 -2.10 -15.91 11.98
N HIS A 164 -1.63 -16.53 13.08
CA HIS A 164 -0.25 -16.97 13.16
C HIS A 164 -0.09 -18.06 12.11
N LEU A 165 0.99 -18.01 11.35
CA LEU A 165 1.24 -19.03 10.30
C LEU A 165 2.30 -20.14 10.61
N TYR A 166 3.52 -19.78 11.02
CA TYR A 166 4.53 -20.80 11.44
C TYR A 166 5.59 -20.22 12.38
N GLY A 167 6.30 -21.06 13.11
CA GLY A 167 7.47 -20.68 13.89
C GLY A 167 7.09 -20.03 15.19
N GLN A 168 7.97 -19.17 15.73
CA GLN A 168 7.72 -18.47 17.00
C GLN A 168 6.61 -17.47 16.83
N GLU A 169 5.96 -17.15 17.96
CA GLU A 169 5.05 -16.02 18.06
C GLU A 169 5.82 -14.75 18.28
N ALA A 170 5.31 -13.70 17.66
CA ALA A 170 5.82 -12.33 17.88
C ALA A 170 5.12 -11.71 19.09
N PRO A 171 5.74 -10.72 19.77
CA PRO A 171 4.91 -10.00 20.76
C PRO A 171 3.69 -9.30 20.09
N GLU A 172 2.65 -9.05 20.89
CA GLU A 172 1.43 -8.47 20.38
C GLU A 172 1.80 -7.16 19.65
N GLN A 173 2.72 -6.40 20.23
CA GLN A 173 3.34 -5.18 19.61
C GLN A 173 4.87 -5.13 19.75
N PHE A 174 5.57 -4.61 18.76
CA PHE A 174 7.02 -4.53 18.87
C PHE A 174 7.54 -3.43 17.90
N LEU A 175 8.83 -3.13 18.03
CA LEU A 175 9.49 -2.07 17.22
C LEU A 175 10.26 -2.60 16.01
N ILE A 176 10.05 -1.98 14.85
CA ILE A 176 10.91 -2.15 13.67
C ILE A 176 11.59 -0.80 13.39
N LEU A 177 12.54 -0.80 12.45
CA LEU A 177 13.28 0.39 12.06
C LEU A 177 13.00 0.67 10.59
N GLU A 178 12.68 1.96 10.28
CA GLU A 178 12.56 2.44 8.88
C GLU A 178 13.22 3.82 8.71
N ASN A 179 14.18 3.92 7.81
CA ASN A 179 14.95 5.17 7.65
C ASN A 179 15.74 5.53 8.96
N GLY A 180 16.08 4.53 9.79
CA GLY A 180 16.91 4.81 11.01
C GLY A 180 16.08 5.21 12.23
N ILE A 181 14.73 5.17 12.10
CA ILE A 181 13.70 5.67 13.09
C ILE A 181 12.76 4.49 13.48
N SER A 182 12.31 4.47 14.74
CA SER A 182 11.48 3.36 15.27
C SER A 182 10.00 3.57 15.09
N TYR A 183 9.31 2.46 14.77
CA TYR A 183 7.83 2.41 14.70
C TYR A 183 7.30 1.15 15.39
N ASN A 184 6.26 1.33 16.19
CA ASN A 184 5.49 0.31 16.86
C ASN A 184 4.51 -0.34 15.87
N VAL A 185 4.67 -1.64 15.68
CA VAL A 185 3.83 -2.42 14.71
C VAL A 185 3.23 -3.67 15.34
N PHE A 186 2.29 -4.35 14.66
CA PHE A 186 1.64 -5.52 15.21
C PHE A 186 1.14 -6.35 14.04
N LEU A 187 1.34 -7.67 14.13
CA LEU A 187 1.08 -8.58 13.03
C LEU A 187 -0.23 -9.40 13.08
N ASN A 188 -0.88 -9.48 14.22
CA ASN A 188 -2.03 -10.36 14.31
C ASN A 188 -3.31 -9.65 14.73
N ASP A 189 -3.56 -8.50 14.14
CA ASP A 189 -4.77 -7.76 14.47
C ASP A 189 -5.43 -7.14 13.21
N GLY A 190 -6.52 -7.75 12.74
CA GLY A 190 -7.21 -7.21 11.54
C GLY A 190 -6.34 -7.17 10.28
N LEU A 191 -6.63 -6.23 9.37
CA LEU A 191 -6.01 -6.24 8.04
C LEU A 191 -4.77 -5.34 7.94
N MET A 192 -4.53 -4.51 8.96
CA MET A 192 -3.47 -3.51 8.99
C MET A 192 -2.50 -3.80 10.14
N THR A 193 -1.30 -3.14 10.10
CA THR A 193 -0.17 -3.53 10.97
C THR A 193 0.46 -2.36 11.79
N GLY A 194 -0.13 -1.18 11.70
CA GLY A 194 0.40 0.00 12.33
C GLY A 194 1.15 0.96 11.40
N ILE A 195 1.41 0.48 10.20
CA ILE A 195 2.17 1.24 9.23
C ILE A 195 1.87 0.66 7.81
N PHE A 196 1.78 1.55 6.82
CA PHE A 196 1.85 1.26 5.41
C PHE A 196 3.27 1.55 4.97
N LEU A 197 3.99 0.47 4.70
CA LEU A 197 5.38 0.51 4.32
C LEU A 197 5.59 1.23 3.03
N ASP A 198 4.54 1.29 2.19
CA ASP A 198 4.70 1.83 0.83
C ASP A 198 4.93 3.35 0.78
N GLN A 199 4.82 3.99 1.94
CA GLN A 199 5.03 5.42 2.08
C GLN A 199 6.39 5.74 2.70
N ARG A 200 7.21 4.70 2.78
CA ARG A 200 8.58 4.81 3.31
C ARG A 200 9.35 6.10 2.83
N GLN A 201 9.29 6.39 1.54
CA GLN A 201 10.12 7.49 0.95
C GLN A 201 9.56 8.93 1.21
N VAL A 202 8.22 9.02 1.36
CA VAL A 202 7.52 10.27 1.76
C VAL A 202 7.94 10.54 3.26
N ARG A 203 7.86 9.51 4.11
CA ARG A 203 8.36 9.61 5.51
C ARG A 203 9.83 10.02 5.59
N ASN A 204 10.68 9.43 4.75
CA ASN A 204 12.12 9.77 4.70
C ASN A 204 12.41 11.29 4.36
N GLU A 205 11.65 11.78 3.40
CA GLU A 205 11.70 13.18 3.03
C GLU A 205 11.40 14.09 4.24
N LEU A 206 10.36 13.76 5.02
CA LEU A 206 10.01 14.49 6.27
C LEU A 206 11.12 14.38 7.33
N ILE A 207 11.63 13.16 7.59
CA ILE A 207 12.77 12.98 8.53
C ILE A 207 13.97 13.82 8.11
N ASN A 208 14.14 14.03 6.80
CA ASN A 208 15.35 14.73 6.27
C ASN A 208 15.27 16.28 6.41
N GLY A 209 14.08 16.77 6.81
CA GLY A 209 13.85 18.16 7.05
C GLY A 209 12.81 18.88 6.19
N SER A 210 11.92 18.19 5.50
CA SER A 210 11.02 18.87 4.55
C SER A 210 9.95 19.67 5.29
N ALA A 211 9.73 19.34 6.58
CA ALA A 211 8.86 20.14 7.44
C ALA A 211 9.58 20.85 8.62
N ALA A 212 10.93 21.00 8.54
CA ALA A 212 11.74 21.65 9.64
C ALA A 212 11.28 23.08 9.97
N GLY A 213 11.02 23.37 11.27
CA GLY A 213 10.62 24.69 11.70
C GLY A 213 9.14 24.95 11.29
N LYS A 214 8.43 23.93 10.78
CA LYS A 214 7.02 24.17 10.25
C LYS A 214 5.95 23.50 11.10
N THR A 215 4.72 24.02 11.03
CA THR A 215 3.55 23.34 11.64
C THR A 215 2.86 22.37 10.63
N VAL A 216 2.53 21.16 11.09
CA VAL A 216 2.02 20.09 10.21
C VAL A 216 0.65 19.62 10.73
N LEU A 217 -0.38 19.66 9.85
CA LEU A 217 -1.65 18.95 10.10
C LEU A 217 -1.66 17.60 9.31
N ASN A 218 -1.90 16.49 10.00
CA ASN A 218 -1.91 15.12 9.42
C ASN A 218 -3.30 14.54 9.54
N LEU A 219 -4.00 14.40 8.41
CA LEU A 219 -5.44 14.01 8.36
C LEU A 219 -5.59 12.52 7.99
N PHE A 220 -6.54 11.83 8.62
CA PHE A 220 -6.71 10.35 8.58
C PHE A 220 -5.42 9.71 9.03
N SER A 221 -4.92 10.13 10.23
CA SER A 221 -3.53 9.85 10.62
C SER A 221 -3.22 8.37 10.89
N TYR A 222 -4.27 7.58 11.29
CA TYR A 222 -4.12 6.17 11.66
C TYR A 222 -3.28 6.02 12.96
N THR A 223 -1.96 5.86 12.83
CA THR A 223 -1.10 5.78 14.02
C THR A 223 -0.05 6.91 13.96
N ALA A 224 -0.35 7.94 13.17
CA ALA A 224 0.50 9.16 13.12
C ALA A 224 1.93 8.90 12.63
N ALA A 225 2.14 7.88 11.81
CA ALA A 225 3.50 7.62 11.32
C ALA A 225 4.09 8.84 10.54
N PHE A 226 3.25 9.56 9.78
CA PHE A 226 3.78 10.77 9.12
C PHE A 226 4.21 11.88 10.13
N SER A 227 3.49 12.03 11.25
CA SER A 227 3.75 13.03 12.29
C SER A 227 5.03 12.77 13.05
N VAL A 228 5.30 11.51 13.36
CA VAL A 228 6.54 11.14 14.04
C VAL A 228 7.78 11.38 13.12
N ALA A 229 7.64 11.01 11.83
CA ALA A 229 8.71 11.31 10.83
C ALA A 229 9.00 12.87 10.72
N ALA A 230 7.94 13.65 10.59
CA ALA A 230 8.06 15.11 10.61
C ALA A 230 8.78 15.61 11.89
N ALA A 231 8.40 15.05 13.04
CA ALA A 231 8.95 15.50 14.34
C ALA A 231 10.44 15.20 14.46
N MET A 232 10.81 14.01 13.99
CA MET A 232 12.23 13.60 13.89
C MET A 232 13.01 14.51 12.90
N GLY A 233 12.32 15.01 11.87
CA GLY A 233 12.90 16.06 10.97
C GLY A 233 12.82 17.51 11.45
N GLY A 234 12.65 17.75 12.75
CA GLY A 234 12.69 19.16 13.19
C GLY A 234 11.39 19.99 13.00
N ALA A 235 10.28 19.35 12.68
CA ALA A 235 8.98 20.08 12.63
C ALA A 235 8.76 20.82 13.95
N MET A 236 8.24 22.05 13.87
CA MET A 236 7.92 22.87 15.03
C MET A 236 6.71 22.29 15.84
N ALA A 237 5.73 21.70 15.16
CA ALA A 237 4.64 21.10 15.88
C ALA A 237 3.87 20.21 14.91
N THR A 238 3.17 19.19 15.43
CA THR A 238 2.29 18.36 14.58
C THR A 238 0.90 18.15 15.23
N THR A 239 -0.13 18.00 14.39
CA THR A 239 -1.51 17.66 14.84
C THR A 239 -2.01 16.52 13.98
N SER A 240 -2.45 15.43 14.63
CA SER A 240 -2.76 14.17 13.98
C SER A 240 -4.21 13.85 14.27
N VAL A 241 -5.05 13.83 13.23
CA VAL A 241 -6.51 13.66 13.37
C VAL A 241 -7.03 12.34 12.79
N ASP A 242 -7.66 11.51 13.62
CA ASP A 242 -8.22 10.24 13.14
C ASP A 242 -9.51 9.95 13.86
N LEU A 243 -10.43 9.30 13.14
CA LEU A 243 -11.75 9.06 13.70
C LEU A 243 -11.67 8.04 14.83
N ALA A 244 -10.67 7.14 14.81
CA ALA A 244 -10.69 5.95 15.67
C ALA A 244 -9.95 6.15 17.05
N LYS A 245 -10.59 5.72 18.14
CA LYS A 245 -10.05 5.87 19.53
C LYS A 245 -8.63 5.29 19.72
N ARG A 246 -8.39 4.16 19.04
CA ARG A 246 -7.15 3.38 19.09
C ARG A 246 -5.93 4.24 18.64
N SER A 247 -6.19 5.35 17.92
CA SER A 247 -5.11 6.23 17.40
C SER A 247 -4.26 6.86 18.52
N ARG A 248 -4.85 7.06 19.68
CA ARG A 248 -4.10 7.63 20.79
C ARG A 248 -2.90 6.81 21.24
N ALA A 249 -3.15 5.57 21.75
CA ALA A 249 -2.07 4.69 22.28
C ALA A 249 -1.13 4.29 21.16
N LEU A 250 -1.67 4.00 19.96
CA LEU A 250 -0.84 3.48 18.87
C LEU A 250 0.12 4.58 18.30
N SER A 251 -0.34 5.83 18.34
CA SER A 251 0.51 6.98 18.00
C SER A 251 1.55 7.31 19.08
N LEU A 252 1.13 7.29 20.36
CA LEU A 252 2.00 7.58 21.51
C LEU A 252 3.21 6.67 21.45
N ALA A 253 2.96 5.39 21.17
CA ALA A 253 4.01 4.35 21.03
C ALA A 253 5.20 4.71 20.04
N HIS A 254 4.94 5.20 18.83
CA HIS A 254 6.09 5.66 18.02
C HIS A 254 6.86 6.82 18.75
N PHE A 255 6.15 7.77 19.37
CA PHE A 255 6.87 8.92 19.97
C PHE A 255 7.74 8.47 21.15
N GLU A 256 7.22 7.58 22.01
CA GLU A 256 8.00 7.09 23.13
C GLU A 256 9.20 6.28 22.62
N ALA A 257 8.97 5.45 21.61
CA ALA A 257 10.07 4.64 21.05
C ALA A 257 11.25 5.49 20.52
N ASN A 258 10.98 6.72 20.05
CA ASN A 258 12.02 7.64 19.61
C ASN A 258 12.42 8.70 20.67
N HIS A 259 11.98 8.53 21.93
CA HIS A 259 12.30 9.44 23.04
C HIS A 259 11.97 10.92 22.70
N LEU A 260 10.82 11.13 22.05
CA LEU A 260 10.42 12.43 21.62
C LEU A 260 9.54 13.08 22.70
N ASP A 261 9.86 14.32 23.07
CA ASP A 261 8.98 15.09 24.00
C ASP A 261 7.76 15.57 23.20
N MET A 262 6.55 15.30 23.71
CA MET A 262 5.30 15.60 22.93
C MET A 262 4.61 16.97 23.24
N ALA A 263 5.32 17.86 23.98
CA ALA A 263 4.86 19.23 24.28
C ALA A 263 4.12 19.88 23.06
N ASN A 264 4.72 19.75 21.90
CA ASN A 264 4.20 20.28 20.64
C ASN A 264 3.67 19.28 19.65
N HIS A 265 3.21 18.13 20.15
CA HIS A 265 2.60 17.17 19.28
C HIS A 265 1.27 16.79 19.88
N GLN A 266 0.21 17.10 19.16
CA GLN A 266 -1.15 16.92 19.63
C GLN A 266 -1.80 15.76 18.85
N LEU A 267 -2.52 14.90 19.57
CA LEU A 267 -3.24 13.77 18.95
C LEU A 267 -4.70 14.05 19.11
N VAL A 268 -5.44 13.97 18.02
CA VAL A 268 -6.87 14.35 18.03
C VAL A 268 -7.71 13.17 17.47
N VAL A 269 -8.82 12.87 18.19
CA VAL A 269 -9.76 11.81 17.81
C VAL A 269 -11.05 12.52 17.44
N MET A 270 -11.39 12.45 16.14
CA MET A 270 -12.39 13.32 15.46
C MET A 270 -12.55 12.98 13.99
N ASP A 271 -13.80 13.09 13.50
CA ASP A 271 -14.11 13.09 12.06
C ASP A 271 -13.43 14.31 11.35
N VAL A 272 -12.74 14.00 10.26
CA VAL A 272 -11.94 14.97 9.52
C VAL A 272 -12.80 16.12 9.04
N PHE A 273 -14.01 15.85 8.50
CA PHE A 273 -15.00 16.93 8.19
C PHE A 273 -15.42 17.82 9.40
N ASP A 274 -15.59 17.22 10.58
CA ASP A 274 -15.74 18.03 11.80
C ASP A 274 -14.44 18.79 12.14
N TYR A 275 -13.28 18.21 11.86
CA TYR A 275 -12.05 18.90 12.20
C TYR A 275 -11.92 20.20 11.40
N PHE A 276 -12.26 20.15 10.10
CA PHE A 276 -12.19 21.35 9.23
C PHE A 276 -13.06 22.46 9.80
N LYS A 277 -14.28 22.15 10.20
CA LYS A 277 -15.16 23.16 10.80
C LYS A 277 -14.60 23.71 12.11
N TYR A 278 -14.15 22.81 12.98
CA TYR A 278 -13.56 23.20 14.27
C TYR A 278 -12.32 24.12 14.08
N ALA A 279 -11.38 23.71 13.25
CA ALA A 279 -10.19 24.52 12.90
C ALA A 279 -10.49 25.95 12.33
N ARG A 280 -11.45 26.05 11.42
CA ARG A 280 -11.86 27.37 10.92
C ARG A 280 -12.42 28.25 12.07
N ARG A 281 -13.32 27.70 12.88
CA ARG A 281 -13.89 28.46 13.99
C ARG A 281 -12.80 29.00 14.94
N HIS A 282 -11.71 28.22 15.16
CA HIS A 282 -10.67 28.57 16.12
C HIS A 282 -9.45 29.18 15.46
N HIS A 283 -9.61 29.50 14.17
CA HIS A 283 -8.59 30.25 13.44
C HIS A 283 -7.27 29.50 13.32
N LEU A 284 -7.31 28.17 13.33
CA LEU A 284 -6.10 27.41 13.24
C LEU A 284 -5.69 27.34 11.76
N THR A 285 -4.37 27.42 11.52
CA THR A 285 -3.80 27.32 10.17
C THR A 285 -2.51 26.61 10.32
N TYR A 286 -2.15 25.87 9.29
CA TYR A 286 -0.95 25.03 9.27
C TYR A 286 -0.11 25.22 7.99
N ASP A 287 1.22 25.19 8.15
CA ASP A 287 2.15 25.36 7.06
C ASP A 287 2.08 24.20 6.04
N ILE A 288 1.85 22.98 6.53
CA ILE A 288 1.76 21.77 5.70
C ILE A 288 0.58 20.90 6.12
N ILE A 289 -0.21 20.43 5.15
CA ILE A 289 -1.35 19.58 5.41
C ILE A 289 -1.22 18.22 4.66
N ILE A 290 -1.16 17.11 5.40
CA ILE A 290 -0.95 15.83 4.74
C ILE A 290 -2.34 15.21 4.72
N ILE A 291 -2.79 14.79 3.53
CA ILE A 291 -4.12 14.21 3.36
C ILE A 291 -4.00 12.75 2.82
N ASP A 292 -4.51 11.77 3.56
CA ASP A 292 -4.31 10.37 3.12
C ASP A 292 -5.46 9.52 3.58
N PRO A 293 -6.62 9.62 2.93
CA PRO A 293 -7.76 8.88 3.45
C PRO A 293 -7.76 7.42 2.97
N PRO A 294 -8.61 6.55 3.59
CA PRO A 294 -8.81 5.25 2.98
C PRO A 294 -9.62 5.41 1.67
N SER A 295 -9.65 4.37 0.85
CA SER A 295 -10.24 4.49 -0.48
C SER A 295 -11.76 4.51 -0.40
N PHE A 296 -12.28 3.78 0.58
CA PHE A 296 -13.72 3.78 0.87
C PHE A 296 -13.87 3.70 2.39
N ALA A 297 -14.73 4.54 2.98
CA ALA A 297 -15.01 4.44 4.42
C ALA A 297 -16.46 4.69 4.79
N ARG A 298 -16.88 4.05 5.89
CA ARG A 298 -18.28 3.82 6.26
C ARG A 298 -18.78 4.49 7.55
N ASN A 299 -19.53 5.58 7.46
CA ASN A 299 -20.52 5.93 8.52
C ASN A 299 -20.16 7.12 9.40
N LYS A 301 -19.89 11.02 10.40
CA LYS A 301 -21.26 11.20 9.94
C LYS A 301 -21.36 11.55 8.44
N GLU A 302 -20.85 10.66 7.60
CA GLU A 302 -20.82 10.79 6.13
C GLU A 302 -20.28 9.45 5.61
N VAL A 303 -20.44 9.17 4.32
CA VAL A 303 -19.79 8.02 3.66
C VAL A 303 -18.72 8.61 2.75
N PHE A 304 -17.51 8.07 2.84
CA PHE A 304 -16.45 8.64 2.07
C PHE A 304 -15.98 7.71 0.96
N SER A 305 -16.01 8.24 -0.26
CA SER A 305 -15.45 7.58 -1.41
C SER A 305 -14.46 8.51 -2.07
N VAL A 306 -13.24 8.01 -2.22
CA VAL A 306 -12.13 8.80 -2.72
C VAL A 306 -12.35 9.33 -4.17
N SER A 307 -12.94 8.50 -5.04
CA SER A 307 -13.30 8.91 -6.41
C SER A 307 -14.14 10.19 -6.46
N LYS A 308 -15.09 10.32 -5.51
CA LYS A 308 -16.07 11.39 -5.59
C LYS A 308 -15.81 12.54 -4.64
N ASP A 309 -15.19 12.25 -3.50
CA ASP A 309 -15.20 13.19 -2.37
C ASP A 309 -13.83 13.81 -2.11
N TYR A 310 -12.79 13.31 -2.77
CA TYR A 310 -11.46 13.87 -2.53
C TYR A 310 -11.40 15.41 -2.79
N HIS A 311 -12.13 15.90 -3.78
CA HIS A 311 -12.15 17.36 -4.02
C HIS A 311 -12.53 18.13 -2.76
N LYS A 312 -13.50 17.61 -1.99
CA LYS A 312 -13.89 18.22 -0.71
C LYS A 312 -12.74 18.47 0.30
N LEU A 313 -11.83 17.49 0.41
CA LEU A 313 -10.68 17.58 1.32
C LEU A 313 -9.70 18.68 0.90
N ILE A 314 -9.47 18.80 -0.40
CA ILE A 314 -8.63 19.86 -0.91
C ILE A 314 -9.27 21.24 -0.67
N ARG A 315 -10.51 21.38 -1.10
CA ARG A 315 -11.27 22.60 -0.89
C ARG A 315 -11.23 23.06 0.59
N GLN A 316 -11.55 22.17 1.53
CA GLN A 316 -11.58 22.61 2.92
C GLN A 316 -10.20 22.74 3.55
N GLY A 317 -9.24 21.93 3.13
CA GLY A 317 -7.86 22.09 3.63
C GLY A 317 -7.29 23.47 3.26
N LEU A 318 -7.56 23.92 2.05
CA LEU A 318 -7.01 25.20 1.57
C LEU A 318 -7.42 26.35 2.47
N GLU A 319 -8.63 26.28 3.02
CA GLU A 319 -9.14 27.32 3.90
C GLU A 319 -8.27 27.48 5.16
N ILE A 320 -7.59 26.41 5.59
CA ILE A 320 -6.78 26.42 6.83
C ILE A 320 -5.25 26.24 6.61
N LEU A 321 -4.82 26.51 5.38
CA LEU A 321 -3.39 26.48 5.01
C LEU A 321 -2.72 27.89 5.09
N SER A 322 -1.56 27.99 5.76
CA SER A 322 -0.69 29.18 5.68
C SER A 322 -0.40 29.60 4.20
N GLU A 323 -0.29 30.91 3.99
CA GLU A 323 0.29 31.49 2.79
C GLU A 323 1.60 30.79 2.43
N ASN A 324 1.77 30.40 1.16
CA ASN A 324 2.91 29.59 0.68
C ASN A 324 2.95 28.21 1.34
N GLY A 325 1.79 27.69 1.72
CA GLY A 325 1.75 26.36 2.34
C GLY A 325 1.86 25.23 1.31
N LEU A 326 2.07 24.03 1.82
CA LEU A 326 2.20 22.79 1.03
C LEU A 326 1.07 21.81 1.39
N ILE A 327 0.45 21.25 0.35
CA ILE A 327 -0.47 20.12 0.53
C ILE A 327 0.30 18.88 0.07
N ILE A 328 0.33 17.85 0.90
CA ILE A 328 0.74 16.51 0.47
C ILE A 328 -0.54 15.63 0.30
N ALA A 329 -0.97 15.42 -0.94
CA ALA A 329 -2.19 14.68 -1.30
C ALA A 329 -1.85 13.28 -1.73
N SER A 330 -2.16 12.33 -0.86
CA SER A 330 -1.84 10.93 -1.07
C SER A 330 -3.15 10.13 -1.25
N THR A 331 -3.12 9.06 -2.07
CA THR A 331 -4.17 8.00 -2.15
C THR A 331 -3.47 6.67 -2.46
N ASN A 332 -4.00 5.58 -1.88
CA ASN A 332 -3.57 4.19 -2.24
CA ASN A 332 -3.72 4.13 -2.08
C ASN A 332 -4.68 3.48 -3.09
N ALA A 333 -5.64 4.25 -3.60
CA ALA A 333 -6.75 3.60 -4.38
C ALA A 333 -6.30 3.11 -5.75
N ALA A 334 -6.44 1.81 -6.00
CA ALA A 334 -6.15 1.20 -7.31
C ALA A 334 -7.09 1.68 -8.43
N ASN A 335 -8.30 2.08 -8.03
CA ASN A 335 -9.38 2.41 -8.98
C ASN A 335 -9.42 3.87 -9.43
N MET A 336 -8.50 4.67 -8.91
CA MET A 336 -8.37 6.04 -9.33
C MET A 336 -7.02 6.26 -10.05
N THR A 337 -7.06 6.57 -11.34
CA THR A 337 -5.80 6.78 -12.08
C THR A 337 -5.13 8.08 -11.61
N VAL A 338 -3.88 8.25 -12.05
CA VAL A 338 -3.15 9.51 -11.84
C VAL A 338 -3.96 10.77 -12.32
N SER A 339 -4.51 10.69 -13.53
CA SER A 339 -5.30 11.75 -14.15
C SER A 339 -6.64 12.01 -13.50
N GLN A 340 -7.32 10.96 -13.07
CA GLN A 340 -8.54 11.10 -12.26
C GLN A 340 -8.25 11.72 -10.89
N PHE A 341 -7.09 11.35 -10.29
CA PHE A 341 -6.73 11.89 -8.98
C PHE A 341 -6.47 13.38 -9.14
N LYS A 342 -5.62 13.77 -10.09
CA LYS A 342 -5.41 15.18 -10.44
C LYS A 342 -6.73 15.95 -10.70
N LYS A 343 -7.64 15.37 -11.47
CA LYS A 343 -8.91 16.04 -11.76
C LYS A 343 -9.68 16.34 -10.43
N GLN A 344 -9.80 15.36 -9.54
CA GLN A 344 -10.37 15.69 -8.21
C GLN A 344 -9.65 16.86 -7.49
N ILE A 345 -8.32 16.91 -7.54
CA ILE A 345 -7.57 18.00 -6.91
C ILE A 345 -7.85 19.39 -7.55
N GLU A 346 -7.83 19.48 -8.88
CA GLU A 346 -8.15 20.75 -9.58
C GLU A 346 -9.54 21.20 -9.26
N LYS A 347 -10.47 20.26 -9.17
CA LYS A 347 -11.84 20.62 -8.81
C LYS A 347 -11.82 21.30 -7.41
N GLY A 348 -11.14 20.69 -6.45
CA GLY A 348 -10.96 21.29 -5.16
C GLY A 348 -10.35 22.70 -5.14
N PHE A 349 -9.36 22.96 -6.00
CA PHE A 349 -8.64 24.26 -6.00
C PHE A 349 -9.44 25.46 -6.53
N GLY A 350 -10.46 25.22 -7.36
CA GLY A 350 -11.13 26.28 -8.06
C GLY A 350 -10.18 27.14 -8.87
N LYS A 351 -10.28 28.44 -8.68
CA LYS A 351 -9.46 29.38 -9.41
C LYS A 351 -8.08 29.62 -8.81
N GLN A 352 -7.85 29.11 -7.59
CA GLN A 352 -6.65 29.42 -6.83
C GLN A 352 -5.37 28.86 -7.47
N LYS A 353 -4.46 29.77 -7.79
CA LYS A 353 -3.09 29.46 -8.18
C LYS A 353 -2.41 28.41 -7.29
N HIS A 354 -1.71 27.47 -7.93
CA HIS A 354 -1.00 26.40 -7.25
C HIS A 354 0.01 25.78 -8.23
N THR A 355 1.02 25.09 -7.70
CA THR A 355 2.09 24.51 -8.52
C THR A 355 2.28 23.07 -8.03
N TYR A 356 2.22 22.07 -8.93
CA TYR A 356 2.57 20.67 -8.58
C TYR A 356 4.07 20.54 -8.48
N LEU A 357 4.61 20.44 -7.26
CA LEU A 357 6.09 20.26 -7.08
C LEU A 357 6.62 18.83 -7.34
N ASP A 358 5.81 17.79 -7.15
CA ASP A 358 6.34 16.42 -7.25
C ASP A 358 5.18 15.40 -7.35
N LEU A 359 5.41 14.27 -8.02
CA LEU A 359 4.55 13.08 -7.88
C LEU A 359 5.41 11.90 -7.40
N GLN A 360 4.99 11.26 -6.29
CA GLN A 360 5.66 10.07 -5.76
C GLN A 360 4.73 8.89 -5.92
N GLN A 361 5.25 7.72 -6.27
CA GLN A 361 4.42 6.49 -6.37
C GLN A 361 5.17 5.35 -5.66
N LEU A 362 4.93 4.09 -6.03
CA LEU A 362 5.36 2.96 -5.19
C LEU A 362 6.90 2.80 -5.19
N PRO A 363 7.53 2.59 -4.02
CA PRO A 363 8.99 2.34 -4.01
C PRO A 363 9.34 0.96 -4.57
N SER A 364 10.61 0.74 -4.88
CA SER A 364 11.01 -0.42 -5.69
C SER A 364 10.71 -1.81 -5.04
N ASP A 365 10.57 -1.86 -3.70
CA ASP A 365 10.17 -3.15 -3.04
C ASP A 365 8.71 -3.48 -3.31
N PHE A 366 7.88 -2.45 -3.50
CA PHE A 366 6.51 -2.67 -3.95
C PHE A 366 6.54 -2.72 -5.47
N ALA A 367 7.16 -3.77 -6.03
CA ALA A 367 7.46 -3.82 -7.48
C ALA A 367 6.21 -3.76 -8.37
N VAL A 368 6.33 -3.11 -9.52
CA VAL A 368 5.22 -3.00 -10.40
C VAL A 368 5.47 -3.65 -11.73
N ASN A 369 4.38 -4.08 -12.35
CA ASN A 369 4.37 -4.54 -13.72
C ASN A 369 4.34 -3.24 -14.55
N VAL A 370 5.49 -2.94 -15.09
CA VAL A 370 5.70 -1.79 -15.96
C VAL A 370 4.65 -1.69 -17.11
N GLN A 371 4.15 -2.82 -17.59
CA GLN A 371 3.09 -2.87 -18.65
C GLN A 371 1.66 -2.64 -18.21
N ASP A 372 1.46 -2.49 -16.91
CA ASP A 372 0.13 -2.34 -16.35
C ASP A 372 0.20 -1.25 -15.28
N GLU A 373 -0.33 -0.11 -15.67
CA GLU A 373 -0.15 1.18 -15.02
C GLU A 373 -1.00 1.21 -13.74
N SER A 374 -2.10 0.48 -13.84
CA SER A 374 -2.99 0.23 -12.71
C SER A 374 -2.35 -0.42 -11.48
N SER A 375 -1.38 -1.32 -11.68
CA SER A 375 -0.53 -1.85 -10.60
C SER A 375 0.19 -0.81 -9.74
N ASN A 376 0.48 0.38 -10.28
CA ASN A 376 1.22 1.34 -9.49
C ASN A 376 0.19 2.18 -8.70
N TYR A 377 -0.33 1.63 -7.60
CA TYR A 377 -1.59 2.17 -7.06
C TYR A 377 -1.41 3.39 -6.12
N LEU A 378 -0.17 3.65 -5.66
CA LEU A 378 0.10 4.73 -4.74
C LEU A 378 0.29 5.99 -5.57
N LYS A 379 -0.38 7.09 -5.23
CA LYS A 379 -0.13 8.41 -5.85
C LYS A 379 0.02 9.44 -4.73
N VAL A 380 1.12 10.15 -4.71
CA VAL A 380 1.32 11.21 -3.74
C VAL A 380 1.77 12.50 -4.47
N PHE A 381 0.88 13.48 -4.53
CA PHE A 381 1.23 14.81 -5.04
C PHE A 381 1.67 15.84 -3.91
N THR A 382 2.78 16.54 -4.14
CA THR A 382 3.18 17.66 -3.25
C THR A 382 2.86 18.89 -4.07
N ILE A 383 2.01 19.76 -3.49
CA ILE A 383 1.50 20.97 -4.12
C ILE A 383 1.80 22.23 -3.28
N LYS A 384 2.34 23.24 -3.94
CA LYS A 384 2.71 24.52 -3.33
C LYS A 384 1.64 25.54 -3.61
N VAL A 385 1.18 26.21 -2.57
CA VAL A 385 0.15 27.27 -2.75
C VAL A 385 0.79 28.67 -2.59
N SAH B . -2.59 7.93 6.39
CA SAH B . -2.54 6.75 7.30
CB SAH B . -3.27 5.52 6.68
CG SAH B . -4.84 5.71 6.62
SD SAH B . -5.74 4.24 7.13
C SAH B . -1.09 6.56 7.65
O SAH B . -0.26 7.43 7.29
OXT SAH B . -0.75 5.51 8.26
C5' SAH B . -7.40 4.92 7.17
C4' SAH B . -7.76 5.69 8.47
O4' SAH B . -8.76 6.69 8.21
C3' SAH B . -8.34 4.81 9.60
O3' SAH B . -7.50 5.02 10.73
C2' SAH B . -9.71 5.39 9.96
O2' SAH B . -9.83 5.52 11.38
C1' SAH B . -9.60 6.81 9.38
N9 SAH B . -10.88 7.49 8.97
C8 SAH B . -11.85 7.02 8.11
N7 SAH B . -12.82 7.96 7.93
C5 SAH B . -12.47 9.05 8.67
C6 SAH B . -13.01 10.39 8.94
N6 SAH B . -14.18 10.77 8.34
N1 SAH B . -12.30 11.24 9.75
C2 SAH B . -11.14 10.88 10.34
N3 SAH B . -10.57 9.68 10.13
C4 SAH B . -11.19 8.74 9.35
#